data_6E1Q
#
_entry.id   6E1Q
#
_cell.length_a   153.798
_cell.length_b   154.789
_cell.length_c   73.424
_cell.angle_alpha   90.00
_cell.angle_beta   90.00
_cell.angle_gamma   90.00
#
_symmetry.space_group_name_H-M   'C 2 2 21'
#
loop_
_entity.id
_entity.type
_entity.pdbx_description
1 polymer 'AtGH3.15 acyl acid amido synthetase'
2 non-polymer 'PHOSPHATE ION'
3 non-polymer '(2,4-DICHLOROPHENOXY)ACETIC ACID'
4 water water
#
_entity_poly.entity_id   1
_entity_poly.type   'polypeptide(L)'
_entity_poly.pdbx_seq_one_letter_code
;MLPKFDPTNQKACLSLLEDLTTNVKQIQDSVLEAILSRNAQTEYLRGFLNGQVDKQNFKKNVPVVTYEDIRSYIDRIANG
EPSDLICDRPISVLLTSSGTSGGVPKLIPLTTEDLEQRISFSSLYAPLLYKHIDGLSEGKSLIFYFVTRESKTANGLMVR
TMVTSFLKSIKQTNSFLWDSLQVSPHAITTCADTTQSMYCQLLCGLLERDNVARLGAPFASSFLKVIKFLEDHWPELCSN
IRTGRLSDWITDATCTSGIGKFLTAPNPELASLIEQECSKTSWEAILKRLWPKAKCIESIITGTMAQYIPLLEFYSGGLP
LTSSFYGSSECFMGVNFNPLCKPSDVSYTIIPCMGYFEFLEVEKDHQEAGHDPTEKPVVVDLVDVKIGHDYEPVVTTFSG
LYRYRVGDVLRATGFYNNAPHFCFVGRQKVVLSIDMDKTYEDDLLKAVTNAKLLLEPHDLMLMDFTSRVDSSSFPGHYVI
YWELGSKVKDAKFEPNRDVMEECCFTVEESLDAVYRKGRKNDKNIGPLEIKVVKPGAFDELMNFFLSRGSSVSQYKTPRS
VTNEEALKILEANVISEFLSRKIPSWELHELHSGR
;
_entity_poly.pdbx_strand_id   A
#
# COMPACT_ATOMS: atom_id res chain seq x y z
N MET A 1 -20.82 9.56 -12.92
CA MET A 1 -21.43 8.41 -12.24
C MET A 1 -21.40 7.18 -13.14
N LEU A 2 -21.56 5.99 -12.56
CA LEU A 2 -21.59 4.65 -13.15
C LEU A 2 -23.02 4.24 -13.45
N PRO A 3 -23.26 3.54 -14.56
CA PRO A 3 -24.63 3.13 -14.89
C PRO A 3 -25.08 1.91 -14.10
N LYS A 4 -26.39 1.72 -14.09
CA LYS A 4 -26.96 0.52 -13.49
C LYS A 4 -26.49 -0.72 -14.23
N PHE A 5 -26.09 -1.74 -13.48
CA PHE A 5 -25.62 -2.97 -14.10
C PHE A 5 -25.86 -4.14 -13.16
N ASP A 6 -25.92 -5.33 -13.75
CA ASP A 6 -26.13 -6.57 -13.02
C ASP A 6 -24.77 -7.17 -12.68
N PRO A 7 -24.34 -7.13 -11.42
CA PRO A 7 -23.02 -7.69 -11.07
C PRO A 7 -22.93 -9.19 -11.19
N THR A 8 -24.05 -9.90 -11.42
CA THR A 8 -23.98 -11.32 -11.67
C THR A 8 -23.80 -11.63 -13.15
N ASN A 9 -23.93 -10.61 -14.01
CA ASN A 9 -23.85 -10.81 -15.45
C ASN A 9 -22.43 -10.46 -15.89
N GLN A 10 -21.60 -11.49 -16.01
CA GLN A 10 -20.18 -11.25 -16.25
C GLN A 10 -19.96 -10.59 -17.61
N LYS A 11 -20.71 -11.00 -18.63
CA LYS A 11 -20.50 -10.43 -19.95
C LYS A 11 -20.95 -8.97 -19.99
N ALA A 12 -22.02 -8.65 -19.28
CA ALA A 12 -22.46 -7.27 -19.21
C ALA A 12 -21.42 -6.41 -18.49
N CYS A 13 -20.79 -6.95 -17.44
CA CYS A 13 -19.80 -6.19 -16.69
C CYS A 13 -18.57 -5.90 -17.55
N LEU A 14 -18.04 -6.93 -18.23
CA LEU A 14 -16.87 -6.74 -19.09
C LEU A 14 -17.18 -5.79 -20.25
N SER A 15 -18.40 -5.86 -20.77
CA SER A 15 -18.77 -4.93 -21.84
C SER A 15 -18.83 -3.50 -21.32
N LEU A 16 -19.25 -3.30 -20.07
CA LEU A 16 -19.25 -1.95 -19.51
C LEU A 16 -17.82 -1.43 -19.30
N LEU A 17 -16.91 -2.30 -18.86
CA LEU A 17 -15.52 -1.87 -18.72
C LEU A 17 -14.95 -1.43 -20.07
N GLU A 18 -15.35 -2.10 -21.16
CA GLU A 18 -14.91 -1.65 -22.47
C GLU A 18 -15.46 -0.26 -22.79
N ASP A 19 -16.76 -0.06 -22.59
CA ASP A 19 -17.35 1.28 -22.75
C ASP A 19 -16.58 2.32 -21.96
N LEU A 20 -16.33 2.04 -20.67
CA LEU A 20 -15.71 3.02 -19.78
C LEU A 20 -14.31 3.42 -20.24
N THR A 21 -13.57 2.51 -20.83
CA THR A 21 -12.21 2.81 -21.29
C THR A 21 -12.16 3.24 -22.76
N THR A 22 -13.32 3.32 -23.42
CA THR A 22 -13.39 3.77 -24.81
C THR A 22 -13.86 5.21 -24.93
N ASN A 23 -14.90 5.57 -24.19
CA ASN A 23 -15.47 6.93 -24.25
C ASN A 23 -14.86 7.83 -23.18
N VAL A 24 -13.53 7.86 -23.15
CA VAL A 24 -12.84 8.49 -22.03
C VAL A 24 -13.05 9.99 -22.03
N LYS A 25 -12.88 10.64 -23.19
CA LYS A 25 -12.98 12.09 -23.25
C LYS A 25 -14.39 12.55 -22.86
N GLN A 26 -15.41 11.87 -23.38
CA GLN A 26 -16.79 12.22 -23.07
C GLN A 26 -17.10 11.99 -21.59
N ILE A 27 -16.63 10.88 -21.02
CA ILE A 27 -16.94 10.59 -19.63
C ILE A 27 -16.26 11.60 -18.71
N GLN A 28 -14.97 11.86 -18.94
CA GLN A 28 -14.27 12.88 -18.17
C GLN A 28 -15.02 14.21 -18.19
N ASP A 29 -15.39 14.70 -19.38
CA ASP A 29 -16.08 15.99 -19.45
C ASP A 29 -17.43 15.94 -18.74
N SER A 30 -18.11 14.78 -18.82
CA SER A 30 -19.37 14.61 -18.10
C SER A 30 -19.15 14.68 -16.60
N VAL A 31 -18.12 14.00 -16.10
CA VAL A 31 -17.80 14.00 -14.67
C VAL A 31 -17.54 15.43 -14.19
N LEU A 32 -16.69 16.15 -14.91
CA LEU A 32 -16.36 17.52 -14.52
C LEU A 32 -17.60 18.40 -14.46
N GLU A 33 -18.44 18.34 -15.50
CA GLU A 33 -19.66 19.13 -15.49
C GLU A 33 -20.53 18.78 -14.29
N ALA A 34 -20.62 17.50 -13.95
CA ALA A 34 -21.46 17.10 -12.82
C ALA A 34 -20.92 17.64 -11.51
N ILE A 35 -19.60 17.53 -11.30
CA ILE A 35 -19.01 18.00 -10.05
C ILE A 35 -19.18 19.51 -9.90
N LEU A 36 -18.84 20.26 -10.96
CA LEU A 36 -18.93 21.71 -10.89
C LEU A 36 -20.36 22.19 -10.76
N SER A 37 -21.31 21.51 -11.39
CA SER A 37 -22.71 21.91 -11.28
C SER A 37 -23.26 21.62 -9.89
N ARG A 38 -23.04 20.39 -9.39
CA ARG A 38 -23.62 20.01 -8.12
C ARG A 38 -22.98 20.76 -6.95
N ASN A 39 -21.72 21.17 -7.07
CA ASN A 39 -20.99 21.81 -5.98
C ASN A 39 -20.80 23.30 -6.17
N ALA A 40 -21.60 23.91 -7.03
CA ALA A 40 -21.41 25.30 -7.43
C ALA A 40 -21.63 26.28 -6.29
N GLN A 41 -22.42 25.91 -5.28
CA GLN A 41 -22.68 26.81 -4.17
C GLN A 41 -21.92 26.42 -2.91
N THR A 42 -20.99 25.46 -2.98
CA THR A 42 -20.11 25.22 -1.84
C THR A 42 -19.25 26.46 -1.60
N GLU A 43 -18.82 26.63 -0.35
CA GLU A 43 -17.95 27.75 -0.05
C GLU A 43 -16.67 27.67 -0.87
N TYR A 44 -16.10 26.45 -0.99
CA TYR A 44 -14.83 26.30 -1.69
C TYR A 44 -14.96 26.67 -3.17
N LEU A 45 -15.91 26.08 -3.87
CA LEU A 45 -15.96 26.26 -5.32
C LEU A 45 -16.45 27.64 -5.70
N ARG A 46 -17.46 28.16 -4.98
CA ARG A 46 -18.03 29.45 -5.32
C ARG A 46 -16.98 30.56 -5.21
N GLY A 47 -16.04 30.43 -4.28
CA GLY A 47 -15.00 31.42 -4.13
C GLY A 47 -14.11 31.56 -5.33
N PHE A 48 -14.02 30.53 -6.17
CA PHE A 48 -13.20 30.57 -7.37
C PHE A 48 -14.02 30.69 -8.66
N LEU A 49 -15.19 30.07 -8.72
CA LEU A 49 -15.93 29.96 -9.98
C LEU A 49 -17.14 30.88 -10.04
N ASN A 50 -17.71 31.25 -8.89
CA ASN A 50 -18.88 32.11 -8.82
C ASN A 50 -20.01 31.60 -9.70
N GLY A 51 -20.15 30.27 -9.75
CA GLY A 51 -21.25 29.63 -10.46
C GLY A 51 -20.92 29.04 -11.81
N GLN A 52 -19.78 29.39 -12.40
N GLN A 52 -19.78 29.39 -12.41
CA GLN A 52 -19.39 28.82 -13.67
CA GLN A 52 -19.40 28.83 -13.69
C GLN A 52 -19.16 27.32 -13.54
C GLN A 52 -19.14 27.33 -13.55
N VAL A 53 -19.53 26.57 -14.57
CA VAL A 53 -19.35 25.12 -14.60
C VAL A 53 -18.55 24.66 -15.80
N ASP A 54 -18.13 25.56 -16.67
CA ASP A 54 -17.41 25.20 -17.88
C ASP A 54 -15.96 24.83 -17.56
N LYS A 55 -15.36 24.06 -18.47
CA LYS A 55 -14.03 23.53 -18.20
C LYS A 55 -12.97 24.64 -18.18
N GLN A 56 -13.10 25.62 -19.08
CA GLN A 56 -12.05 26.62 -19.22
C GLN A 56 -11.98 27.54 -18.01
N ASN A 57 -13.13 27.94 -17.47
CA ASN A 57 -13.10 28.70 -16.22
C ASN A 57 -12.55 27.85 -15.07
N PHE A 58 -12.83 26.55 -15.08
CA PHE A 58 -12.25 25.64 -14.10
C PHE A 58 -10.73 25.69 -14.17
N LYS A 59 -10.16 25.53 -15.37
CA LYS A 59 -8.71 25.47 -15.51
C LYS A 59 -8.05 26.78 -15.17
N LYS A 60 -8.72 27.91 -15.46
CA LYS A 60 -8.18 29.23 -15.21
C LYS A 60 -8.27 29.63 -13.74
N ASN A 61 -9.39 29.35 -13.07
CA ASN A 61 -9.66 29.99 -11.78
C ASN A 61 -9.49 29.08 -10.57
N VAL A 62 -9.51 27.78 -10.73
CA VAL A 62 -9.39 26.85 -9.58
C VAL A 62 -7.92 26.50 -9.43
N PRO A 63 -7.30 26.74 -8.29
CA PRO A 63 -5.88 26.46 -8.13
C PRO A 63 -5.58 24.99 -7.91
N VAL A 64 -4.39 24.60 -8.32
CA VAL A 64 -3.89 23.25 -8.02
C VAL A 64 -3.33 23.28 -6.60
N VAL A 65 -3.84 22.40 -5.75
CA VAL A 65 -3.58 22.50 -4.31
C VAL A 65 -3.01 21.18 -3.80
N THR A 66 -2.40 21.26 -2.61
CA THR A 66 -2.00 20.11 -1.81
C THR A 66 -2.91 20.01 -0.60
N TYR A 67 -2.76 18.90 0.14
CA TYR A 67 -3.48 18.75 1.41
C TYR A 67 -3.22 19.94 2.33
N GLU A 68 -1.98 20.43 2.35
N GLU A 68 -1.97 20.40 2.37
CA GLU A 68 -1.66 21.56 3.22
CA GLU A 68 -1.61 21.57 3.18
C GLU A 68 -2.54 22.77 2.92
C GLU A 68 -2.52 22.75 2.92
N ASP A 69 -2.86 23.01 1.65
CA ASP A 69 -3.61 24.21 1.31
C ASP A 69 -5.07 24.11 1.73
N ILE A 70 -5.63 22.91 1.79
CA ILE A 70 -7.05 22.77 2.07
C ILE A 70 -7.34 22.15 3.43
N ARG A 71 -6.31 21.91 4.25
CA ARG A 71 -6.55 21.27 5.55
C ARG A 71 -7.55 22.05 6.41
N SER A 72 -7.55 23.38 6.29
CA SER A 72 -8.40 24.19 7.15
C SER A 72 -9.89 23.88 6.92
N TYR A 73 -10.30 23.67 5.66
CA TYR A 73 -11.67 23.27 5.39
C TYR A 73 -12.01 21.97 6.10
N ILE A 74 -11.11 20.98 6.05
CA ILE A 74 -11.38 19.70 6.70
C ILE A 74 -11.47 19.88 8.21
N ASP A 75 -10.57 20.69 8.78
CA ASP A 75 -10.61 20.94 10.23
C ASP A 75 -11.92 21.65 10.61
N ARG A 76 -12.37 22.60 9.80
CA ARG A 76 -13.61 23.29 10.15
C ARG A 76 -14.80 22.35 10.09
N ILE A 77 -14.84 21.43 9.10
CA ILE A 77 -15.93 20.48 9.09
C ILE A 77 -15.84 19.56 10.30
N ALA A 78 -14.62 19.12 10.62
CA ALA A 78 -14.41 18.29 11.79
C ALA A 78 -14.92 18.96 13.05
N ASN A 79 -14.91 20.29 13.07
CA ASN A 79 -15.35 21.06 14.23
C ASN A 79 -16.83 21.38 14.24
N GLY A 80 -17.56 21.05 13.19
CA GLY A 80 -19.01 21.25 13.18
C GLY A 80 -19.55 22.12 12.06
N GLU A 81 -18.71 22.69 11.20
CA GLU A 81 -19.23 23.47 10.08
C GLU A 81 -19.78 22.51 9.02
N PRO A 82 -20.76 22.96 8.22
CA PRO A 82 -21.45 22.01 7.34
C PRO A 82 -20.59 21.52 6.19
N SER A 83 -20.99 20.37 5.65
CA SER A 83 -20.28 19.75 4.52
C SER A 83 -20.16 20.68 3.32
N ASP A 84 -21.06 21.66 3.17
CA ASP A 84 -21.06 22.54 1.99
C ASP A 84 -19.95 23.58 2.01
N LEU A 85 -19.05 23.55 2.99
CA LEU A 85 -17.77 24.23 2.80
C LEU A 85 -17.10 23.70 1.53
N ILE A 86 -17.21 22.39 1.27
CA ILE A 86 -16.51 21.77 0.15
C ILE A 86 -17.40 20.86 -0.69
N CYS A 87 -18.51 20.34 -0.17
N CYS A 87 -18.50 20.33 -0.17
CA CYS A 87 -19.25 19.29 -0.85
CA CYS A 87 -19.24 19.29 -0.87
C CYS A 87 -20.73 19.49 -0.68
C CYS A 87 -20.73 19.49 -0.68
N ASP A 88 -21.48 19.30 -1.77
CA ASP A 88 -22.93 19.44 -1.73
C ASP A 88 -23.63 18.25 -1.09
N ARG A 89 -22.90 17.19 -0.76
CA ARG A 89 -23.48 16.07 -0.06
C ARG A 89 -22.83 15.92 1.31
N PRO A 90 -23.53 15.32 2.28
CA PRO A 90 -22.96 15.19 3.62
C PRO A 90 -21.68 14.35 3.62
N ILE A 91 -20.74 14.75 4.48
CA ILE A 91 -19.54 13.95 4.71
C ILE A 91 -19.91 12.82 5.68
N SER A 92 -19.73 11.57 5.26
CA SER A 92 -20.19 10.50 6.14
C SER A 92 -19.10 9.96 7.05
N VAL A 93 -17.82 10.07 6.67
CA VAL A 93 -16.70 9.68 7.52
C VAL A 93 -15.49 10.50 7.09
N LEU A 94 -14.51 10.63 8.00
CA LEU A 94 -13.18 11.02 7.58
C LEU A 94 -12.27 9.81 7.54
N LEU A 95 -11.49 9.72 6.48
CA LEU A 95 -10.59 8.60 6.28
C LEU A 95 -9.19 8.96 6.77
N THR A 96 -8.62 8.14 7.65
CA THR A 96 -7.23 8.31 8.08
CA THR A 96 -7.25 8.31 8.09
C THR A 96 -6.32 7.63 7.08
N SER A 97 -5.52 8.41 6.41
CA SER A 97 -4.66 7.92 5.34
C SER A 97 -3.27 7.61 5.88
N SER A 98 -2.58 6.70 5.20
CA SER A 98 -1.13 6.72 5.21
C SER A 98 -0.65 7.90 4.37
N GLY A 99 0.54 8.37 4.66
CA GLY A 99 0.94 9.63 4.07
C GLY A 99 0.39 10.75 4.91
N THR A 100 1.23 11.68 5.27
CA THR A 100 0.88 12.69 6.18
C THR A 100 0.99 14.13 5.78
N SER A 101 0.47 14.94 6.68
CA SER A 101 0.55 16.35 6.60
C SER A 101 0.20 16.96 7.93
N GLY A 102 1.16 17.22 8.78
CA GLY A 102 2.53 16.77 8.72
C GLY A 102 2.53 16.84 10.21
N GLY A 103 2.98 15.89 11.00
CA GLY A 103 3.52 14.60 10.68
C GLY A 103 2.47 13.59 11.10
N VAL A 104 1.23 13.97 10.92
CA VAL A 104 0.14 13.11 11.23
C VAL A 104 -0.60 12.69 10.00
N PRO A 105 -1.35 11.63 10.11
CA PRO A 105 -2.12 11.15 8.95
C PRO A 105 -3.06 12.23 8.44
N LYS A 106 -3.22 12.27 7.11
CA LYS A 106 -4.21 13.15 6.53
C LYS A 106 -5.61 12.61 6.85
N LEU A 107 -6.54 13.52 7.06
CA LEU A 107 -7.95 13.20 7.24
C LEU A 107 -8.68 13.62 5.97
N ILE A 108 -9.28 12.67 5.28
CA ILE A 108 -9.85 12.90 3.96
C ILE A 108 -11.36 12.69 4.01
N PRO A 109 -12.17 13.68 3.65
CA PRO A 109 -13.63 13.49 3.61
C PRO A 109 -14.04 12.41 2.62
N LEU A 110 -15.09 11.66 2.98
CA LEU A 110 -15.72 10.69 2.10
C LEU A 110 -17.24 10.83 2.22
N THR A 111 -17.91 11.02 1.08
CA THR A 111 -19.36 10.97 1.06
C THR A 111 -19.86 9.54 0.83
N THR A 112 -21.10 9.29 1.23
CA THR A 112 -21.71 7.97 1.10
C THR A 112 -21.82 7.55 -0.37
N GLU A 113 -22.17 8.49 -1.24
CA GLU A 113 -22.26 8.22 -2.67
C GLU A 113 -20.90 7.83 -3.23
N ASP A 114 -19.86 8.62 -2.91
CA ASP A 114 -18.51 8.30 -3.33
C ASP A 114 -18.15 6.88 -2.88
N LEU A 115 -18.44 6.55 -1.61
CA LEU A 115 -18.13 5.22 -1.10
C LEU A 115 -18.89 4.14 -1.87
N GLU A 116 -20.18 4.34 -2.09
CA GLU A 116 -20.95 3.31 -2.78
C GLU A 116 -20.51 3.18 -4.23
N GLN A 117 -20.17 4.29 -4.88
CA GLN A 117 -19.60 4.23 -6.22
C GLN A 117 -18.31 3.39 -6.25
N ARG A 118 -17.48 3.51 -5.22
CA ARG A 118 -16.24 2.74 -5.19
C ARG A 118 -16.52 1.26 -5.00
N ILE A 119 -17.48 0.94 -4.14
CA ILE A 119 -17.92 -0.44 -3.98
C ILE A 119 -18.55 -0.94 -5.28
N SER A 120 -19.44 -0.13 -5.84
CA SER A 120 -20.07 -0.44 -7.12
C SER A 120 -19.03 -0.78 -8.18
N PHE A 121 -18.02 0.08 -8.36
CA PHE A 121 -17.02 -0.19 -9.38
C PHE A 121 -16.25 -1.45 -9.08
N SER A 122 -16.08 -1.77 -7.79
CA SER A 122 -15.37 -2.98 -7.41
CA SER A 122 -15.36 -2.99 -7.42
C SER A 122 -16.11 -4.23 -7.88
N SER A 123 -17.43 -4.19 -7.86
CA SER A 123 -18.18 -5.35 -8.33
C SER A 123 -18.23 -5.38 -9.84
N LEU A 124 -18.13 -4.20 -10.47
CA LEU A 124 -17.99 -4.14 -11.92
C LEU A 124 -16.69 -4.81 -12.37
N TYR A 125 -15.64 -4.72 -11.57
CA TYR A 125 -14.33 -5.17 -11.98
C TYR A 125 -14.06 -6.63 -11.64
N ALA A 126 -14.72 -7.18 -10.61
CA ALA A 126 -14.47 -8.57 -10.23
C ALA A 126 -14.66 -9.58 -11.35
N PRO A 127 -15.68 -9.50 -12.22
CA PRO A 127 -15.76 -10.49 -13.31
C PRO A 127 -14.51 -10.53 -14.19
N LEU A 128 -13.80 -9.42 -14.34
CA LEU A 128 -12.54 -9.47 -15.07
C LEU A 128 -11.53 -10.33 -14.33
N LEU A 129 -11.43 -10.14 -13.01
CA LEU A 129 -10.56 -11.01 -12.21
C LEU A 129 -10.98 -12.47 -12.38
N TYR A 130 -12.28 -12.76 -12.23
CA TYR A 130 -12.75 -14.13 -12.41
C TYR A 130 -12.42 -14.65 -13.80
N LYS A 131 -12.59 -13.80 -14.82
CA LYS A 131 -12.23 -14.23 -16.16
C LYS A 131 -10.75 -14.58 -16.25
N HIS A 132 -9.91 -13.78 -15.60
CA HIS A 132 -8.48 -14.01 -15.73
C HIS A 132 -7.97 -15.09 -14.78
N ILE A 133 -8.50 -15.18 -13.57
CA ILE A 133 -7.95 -16.08 -12.56
C ILE A 133 -8.95 -17.21 -12.37
N ASP A 134 -8.67 -18.36 -12.99
CA ASP A 134 -9.55 -19.52 -12.89
C ASP A 134 -9.71 -19.94 -11.44
N GLY A 135 -10.96 -20.21 -11.05
CA GLY A 135 -11.25 -20.72 -9.72
C GLY A 135 -11.43 -19.67 -8.66
N LEU A 136 -11.16 -18.41 -8.98
CA LEU A 136 -11.26 -17.35 -7.98
C LEU A 136 -12.68 -17.19 -7.49
N SER A 137 -13.65 -17.41 -8.36
CA SER A 137 -15.06 -17.31 -7.98
C SER A 137 -15.52 -18.47 -7.10
N GLU A 138 -14.73 -19.54 -7.01
N GLU A 138 -14.75 -19.55 -7.00
CA GLU A 138 -15.10 -20.80 -6.35
CA GLU A 138 -15.19 -20.75 -6.32
C GLU A 138 -14.88 -20.77 -4.84
C GLU A 138 -14.85 -20.79 -4.83
N GLY A 139 -14.35 -19.70 -4.27
CA GLY A 139 -14.01 -19.72 -2.85
C GLY A 139 -13.92 -18.33 -2.26
N LYS A 140 -13.50 -18.28 -1.00
CA LYS A 140 -13.46 -17.01 -0.28
C LYS A 140 -12.09 -16.33 -0.36
N SER A 141 -12.09 -15.03 -0.13
CA SER A 141 -10.88 -14.22 -0.03
C SER A 141 -10.54 -14.06 1.45
N LEU A 142 -9.43 -14.64 1.87
CA LEU A 142 -8.94 -14.47 3.23
C LEU A 142 -8.10 -13.21 3.27
N ILE A 143 -8.56 -12.21 4.01
CA ILE A 143 -7.96 -10.89 4.00
C ILE A 143 -7.34 -10.64 5.37
N PHE A 144 -6.03 -10.43 5.37
CA PHE A 144 -5.29 -10.19 6.59
C PHE A 144 -5.31 -8.69 6.83
N TYR A 145 -6.15 -8.27 7.76
CA TYR A 145 -6.33 -6.86 8.03
C TYR A 145 -6.99 -6.75 9.37
N PHE A 146 -6.45 -5.90 10.25
CA PHE A 146 -7.24 -5.59 11.43
C PHE A 146 -6.88 -4.20 11.92
N VAL A 147 -7.80 -3.61 12.67
CA VAL A 147 -7.67 -2.24 13.16
C VAL A 147 -7.61 -2.27 14.68
N THR A 148 -6.72 -1.44 15.25
CA THR A 148 -6.44 -1.45 16.68
C THR A 148 -7.06 -0.27 17.42
N ARG A 149 -7.52 0.76 16.70
CA ARG A 149 -8.23 1.87 17.30
C ARG A 149 -8.86 2.71 16.21
N GLU A 150 -9.82 3.53 16.62
CA GLU A 150 -10.50 4.51 15.79
C GLU A 150 -10.82 5.71 16.67
N SER A 151 -11.35 6.77 16.06
CA SER A 151 -11.65 7.97 16.83
C SER A 151 -12.84 8.68 16.20
N LYS A 152 -13.22 9.81 16.77
CA LYS A 152 -14.21 10.68 16.14
C LYS A 152 -13.83 12.13 16.36
N THR A 153 -14.28 12.99 15.44
CA THR A 153 -14.02 14.42 15.53
C THR A 153 -14.82 15.04 16.68
N ALA A 154 -14.58 16.35 16.91
CA ALA A 154 -15.28 17.06 17.96
C ALA A 154 -16.79 17.08 17.72
N ASN A 155 -17.19 17.17 16.45
CA ASN A 155 -18.60 17.17 16.11
C ASN A 155 -19.18 15.77 15.96
N GLY A 156 -18.36 14.73 16.13
CA GLY A 156 -18.86 13.38 16.17
C GLY A 156 -18.73 12.58 14.90
N LEU A 157 -18.10 13.14 13.87
CA LEU A 157 -17.84 12.37 12.65
C LEU A 157 -16.88 11.23 12.95
N MET A 158 -17.19 10.03 12.45
CA MET A 158 -16.30 8.90 12.66
C MET A 158 -15.06 9.06 11.78
N VAL A 159 -13.95 8.54 12.29
CA VAL A 159 -12.66 8.59 11.61
C VAL A 159 -12.20 7.15 11.42
N ARG A 160 -12.01 6.72 10.18
CA ARG A 160 -11.74 5.31 9.90
C ARG A 160 -10.80 5.20 8.72
N THR A 161 -10.27 3.98 8.52
CA THR A 161 -9.51 3.70 7.31
C THR A 161 -10.45 3.43 6.15
N MET A 162 -9.91 3.57 4.94
CA MET A 162 -10.71 3.27 3.75
C MET A 162 -11.08 1.80 3.69
N VAL A 163 -10.13 0.92 4.03
CA VAL A 163 -10.43 -0.52 4.04
C VAL A 163 -11.58 -0.82 4.99
N THR A 164 -11.51 -0.31 6.22
CA THR A 164 -12.59 -0.56 7.17
C THR A 164 -13.91 -0.04 6.63
N SER A 165 -13.90 1.18 6.07
CA SER A 165 -15.13 1.75 5.52
C SER A 165 -15.65 0.88 4.38
N PHE A 166 -14.75 0.41 3.52
CA PHE A 166 -15.13 -0.45 2.41
C PHE A 166 -15.77 -1.75 2.92
N LEU A 167 -15.08 -2.43 3.84
CA LEU A 167 -15.59 -3.70 4.36
C LEU A 167 -16.88 -3.50 5.13
N LYS A 168 -16.92 -2.51 6.01
CA LYS A 168 -18.13 -2.26 6.79
C LYS A 168 -19.33 -2.00 5.88
N SER A 169 -19.12 -1.33 4.75
CA SER A 169 -20.28 -1.02 3.93
C SER A 169 -20.80 -2.25 3.19
N ILE A 170 -19.91 -3.04 2.59
CA ILE A 170 -20.39 -4.23 1.89
C ILE A 170 -20.95 -5.22 2.89
N LYS A 171 -20.45 -5.22 4.13
CA LYS A 171 -21.04 -6.07 5.16
C LYS A 171 -22.49 -5.65 5.46
N GLN A 172 -22.74 -4.34 5.55
CA GLN A 172 -24.08 -3.86 5.85
C GLN A 172 -25.05 -4.02 4.69
N THR A 173 -24.57 -4.43 3.51
CA THR A 173 -25.48 -4.79 2.42
C THR A 173 -24.88 -5.85 1.49
N ASN A 174 -24.25 -6.88 2.08
CA ASN A 174 -23.62 -8.02 1.36
C ASN A 174 -23.38 -7.84 -0.14
N SER A 180 -18.65 -14.73 1.20
CA SER A 180 -17.70 -14.54 0.09
C SER A 180 -16.32 -13.96 0.51
N LEU A 181 -16.28 -13.24 1.64
CA LEU A 181 -15.02 -12.78 2.21
C LEU A 181 -14.78 -13.48 3.54
N GLN A 182 -13.54 -13.90 3.75
CA GLN A 182 -13.09 -14.36 5.06
C GLN A 182 -12.27 -13.23 5.66
N VAL A 183 -12.89 -12.46 6.54
CA VAL A 183 -12.24 -11.29 7.10
C VAL A 183 -12.30 -11.41 8.62
N SER A 184 -11.23 -10.96 9.28
CA SER A 184 -11.14 -11.08 10.71
C SER A 184 -12.30 -10.34 11.39
N PRO A 185 -12.72 -10.81 12.57
CA PRO A 185 -13.71 -10.03 13.34
C PRO A 185 -13.24 -8.61 13.63
N HIS A 186 -11.93 -8.36 13.56
CA HIS A 186 -11.35 -7.08 13.91
C HIS A 186 -10.95 -6.25 12.71
N ALA A 187 -11.47 -6.56 11.53
CA ALA A 187 -11.33 -5.65 10.40
C ALA A 187 -12.22 -4.42 10.58
N ILE A 188 -13.34 -4.56 11.27
CA ILE A 188 -14.25 -3.45 11.54
C ILE A 188 -14.27 -3.09 13.03
N THR A 189 -14.48 -4.08 13.90
CA THR A 189 -14.49 -3.83 15.33
C THR A 189 -13.07 -3.79 15.87
N THR A 190 -12.73 -2.70 16.54
CA THR A 190 -11.40 -2.46 17.06
C THR A 190 -10.97 -3.52 18.09
N CYS A 191 -9.67 -3.83 18.11
CA CYS A 191 -9.06 -4.65 19.14
C CYS A 191 -7.66 -4.12 19.38
N ALA A 192 -7.40 -3.60 20.58
CA ALA A 192 -6.10 -3.03 20.87
C ALA A 192 -5.00 -4.10 20.92
N ASP A 193 -5.34 -5.32 21.30
CA ASP A 193 -4.36 -6.39 21.40
C ASP A 193 -4.16 -7.03 20.02
N THR A 194 -3.09 -6.64 19.32
CA THR A 194 -2.83 -7.20 18.01
C THR A 194 -2.46 -8.67 18.10
N THR A 195 -1.93 -9.12 19.24
CA THR A 195 -1.64 -10.54 19.38
C THR A 195 -2.92 -11.37 19.34
N GLN A 196 -3.96 -10.92 20.03
CA GLN A 196 -5.24 -11.64 19.99
C GLN A 196 -5.88 -11.57 18.61
N SER A 197 -5.82 -10.39 17.99
CA SER A 197 -6.47 -10.21 16.69
CA SER A 197 -6.49 -10.23 16.70
C SER A 197 -5.80 -11.06 15.62
N MET A 198 -4.47 -11.00 15.54
CA MET A 198 -3.77 -11.84 14.56
C MET A 198 -4.02 -13.33 14.82
N TYR A 199 -4.07 -13.71 16.09
CA TYR A 199 -4.28 -15.11 16.43
C TYR A 199 -5.66 -15.60 15.95
N CYS A 200 -6.71 -14.82 16.22
CA CYS A 200 -8.05 -15.27 15.87
C CYS A 200 -8.25 -15.30 14.36
N GLN A 201 -7.70 -14.29 13.67
CA GLN A 201 -7.82 -14.23 12.22
C GLN A 201 -7.10 -15.39 11.54
N LEU A 202 -5.94 -15.79 12.06
CA LEU A 202 -5.25 -16.94 11.47
C LEU A 202 -5.96 -18.25 11.84
N LEU A 203 -6.45 -18.36 13.07
CA LEU A 203 -7.22 -19.56 13.43
C LEU A 203 -8.43 -19.72 12.52
N CYS A 204 -9.18 -18.63 12.28
CA CYS A 204 -10.30 -18.70 11.33
C CYS A 204 -9.82 -19.03 9.92
N GLY A 205 -8.74 -18.41 9.46
CA GLY A 205 -8.27 -18.70 8.12
C GLY A 205 -7.82 -20.13 7.96
N LEU A 206 -7.17 -20.69 8.98
CA LEU A 206 -6.74 -22.08 8.90
C LEU A 206 -7.93 -23.03 8.96
N LEU A 207 -8.90 -22.75 9.83
CA LEU A 207 -10.10 -23.59 9.88
C LEU A 207 -10.82 -23.62 8.54
N GLU A 208 -10.80 -22.51 7.80
CA GLU A 208 -11.51 -22.39 6.55
C GLU A 208 -10.62 -22.66 5.34
N ARG A 209 -9.45 -23.29 5.53
CA ARG A 209 -8.46 -23.34 4.45
C ARG A 209 -9.01 -24.01 3.19
N ASP A 210 -9.97 -24.91 3.33
CA ASP A 210 -10.49 -25.58 2.15
C ASP A 210 -11.45 -24.71 1.35
N ASN A 211 -11.85 -23.54 1.88
CA ASN A 211 -12.83 -22.66 1.25
C ASN A 211 -12.20 -21.37 0.74
N VAL A 212 -10.88 -21.26 0.77
CA VAL A 212 -10.16 -20.01 0.51
C VAL A 212 -9.64 -20.07 -0.92
N ALA A 213 -10.05 -19.09 -1.73
CA ALA A 213 -9.60 -19.01 -3.11
C ALA A 213 -8.60 -17.89 -3.35
N ARG A 214 -8.34 -17.04 -2.36
CA ARG A 214 -7.44 -15.92 -2.57
C ARG A 214 -6.97 -15.43 -1.23
N LEU A 215 -5.71 -15.01 -1.17
CA LEU A 215 -5.15 -14.36 0.01
C LEU A 215 -4.97 -12.88 -0.30
N GLY A 216 -5.33 -12.03 0.66
CA GLY A 216 -5.21 -10.60 0.47
C GLY A 216 -4.68 -9.92 1.72
N ALA A 217 -4.00 -8.80 1.49
CA ALA A 217 -3.53 -7.92 2.55
C ALA A 217 -3.23 -6.59 1.90
N PRO A 218 -3.10 -5.53 2.69
CA PRO A 218 -2.78 -4.22 2.07
C PRO A 218 -1.50 -4.24 1.26
N PHE A 219 -0.40 -4.74 1.82
CA PHE A 219 0.92 -4.66 1.19
C PHE A 219 1.59 -6.03 1.11
N ALA A 220 2.53 -6.17 0.16
CA ALA A 220 3.40 -7.35 0.12
C ALA A 220 4.03 -7.61 1.50
N SER A 221 4.53 -6.57 2.17
CA SER A 221 5.19 -6.79 3.45
C SER A 221 4.22 -7.20 4.54
N SER A 222 2.92 -6.93 4.35
CA SER A 222 1.92 -7.33 5.35
C SER A 222 1.94 -8.83 5.57
N PHE A 223 2.19 -9.61 4.51
CA PHE A 223 2.19 -11.05 4.62
C PHE A 223 3.33 -11.58 5.47
N LEU A 224 4.47 -10.88 5.49
CA LEU A 224 5.60 -11.32 6.28
C LEU A 224 5.30 -11.30 7.77
N LYS A 225 4.54 -10.31 8.21
CA LYS A 225 4.12 -10.25 9.60
C LYS A 225 3.17 -11.40 9.93
N VAL A 226 2.28 -11.77 9.00
CA VAL A 226 1.42 -12.92 9.19
C VAL A 226 2.24 -14.21 9.30
N ILE A 227 3.22 -14.36 8.42
CA ILE A 227 4.03 -15.57 8.41
C ILE A 227 4.88 -15.66 9.67
N LYS A 228 5.44 -14.53 10.11
CA LYS A 228 6.19 -14.53 11.35
C LYS A 228 5.33 -15.00 12.52
N PHE A 229 4.09 -14.51 12.61
CA PHE A 229 3.18 -14.98 13.67
C PHE A 229 2.94 -16.49 13.56
N LEU A 230 2.73 -16.99 12.34
CA LEU A 230 2.52 -18.42 12.16
C LEU A 230 3.73 -19.22 12.63
N GLU A 231 4.94 -18.77 12.28
CA GLU A 231 6.15 -19.47 12.70
C GLU A 231 6.19 -19.63 14.21
N ASP A 232 5.73 -18.62 14.95
CA ASP A 232 5.84 -18.66 16.39
C ASP A 232 4.70 -19.44 17.05
N HIS A 233 3.52 -19.52 16.42
CA HIS A 233 2.33 -19.95 17.14
C HIS A 233 1.56 -21.08 16.47
N TRP A 234 2.04 -21.62 15.35
CA TRP A 234 1.29 -22.66 14.68
C TRP A 234 0.95 -23.86 15.57
N PRO A 235 1.80 -24.33 16.50
CA PRO A 235 1.39 -25.51 17.27
C PRO A 235 0.20 -25.24 18.15
N GLU A 236 0.15 -24.07 18.76
CA GLU A 236 -1.01 -23.73 19.59
C GLU A 236 -2.26 -23.57 18.75
N LEU A 237 -2.15 -22.88 17.61
CA LEU A 237 -3.29 -22.79 16.69
C LEU A 237 -3.83 -24.17 16.33
N CYS A 238 -2.93 -25.10 16.00
CA CYS A 238 -3.36 -26.42 15.61
C CYS A 238 -3.98 -27.17 16.78
N SER A 239 -3.44 -26.95 17.98
CA SER A 239 -4.00 -27.57 19.17
C SER A 239 -5.44 -27.11 19.38
N ASN A 240 -5.72 -25.82 19.18
CA ASN A 240 -7.09 -25.32 19.26
C ASN A 240 -7.99 -26.02 18.24
N ILE A 241 -7.48 -26.24 17.03
CA ILE A 241 -8.25 -26.93 16.01
C ILE A 241 -8.53 -28.37 16.43
N ARG A 242 -7.52 -29.05 17.00
CA ARG A 242 -7.71 -30.43 17.41
C ARG A 242 -8.78 -30.56 18.47
N THR A 243 -8.75 -29.70 19.49
CA THR A 243 -9.66 -29.77 20.61
C THR A 243 -10.98 -29.06 20.37
N GLY A 244 -11.05 -28.22 19.35
CA GLY A 244 -12.23 -27.38 19.19
C GLY A 244 -12.40 -26.38 20.31
N ARG A 245 -11.31 -25.99 20.96
CA ARG A 245 -11.35 -25.17 22.16
C ARG A 245 -10.40 -23.99 21.98
N LEU A 246 -10.93 -22.78 22.12
CA LEU A 246 -10.11 -21.57 21.96
C LEU A 246 -9.21 -21.39 23.18
N SER A 247 -7.93 -21.09 22.95
CA SER A 247 -7.01 -20.88 24.08
C SER A 247 -7.57 -19.80 25.01
N ASP A 248 -7.44 -20.02 26.32
CA ASP A 248 -8.16 -19.18 27.25
C ASP A 248 -7.52 -17.81 27.48
N TRP A 249 -6.33 -17.55 26.94
CA TRP A 249 -5.76 -16.21 27.02
C TRP A 249 -6.38 -15.24 26.01
N ILE A 250 -7.25 -15.71 25.13
CA ILE A 250 -8.00 -14.81 24.27
C ILE A 250 -9.22 -14.35 25.06
N THR A 251 -9.19 -13.10 25.51
CA THR A 251 -10.24 -12.50 26.31
C THR A 251 -11.10 -11.53 25.52
N ASP A 252 -10.65 -11.14 24.32
CA ASP A 252 -11.40 -10.18 23.52
C ASP A 252 -12.78 -10.71 23.17
N ALA A 253 -13.81 -9.91 23.49
CA ALA A 253 -15.19 -10.40 23.41
C ALA A 253 -15.62 -10.70 21.97
N THR A 254 -15.14 -9.94 20.99
CA THR A 254 -15.51 -10.23 19.61
C THR A 254 -15.01 -11.60 19.17
N CYS A 255 -13.75 -11.92 19.48
CA CYS A 255 -13.22 -13.21 19.08
C CYS A 255 -13.93 -14.35 19.80
N THR A 256 -14.07 -14.24 21.12
CA THR A 256 -14.62 -15.36 21.90
C THR A 256 -16.08 -15.62 21.55
N SER A 257 -16.86 -14.56 21.35
CA SER A 257 -18.26 -14.75 20.95
C SER A 257 -18.37 -15.17 19.50
N GLY A 258 -17.44 -14.74 18.64
CA GLY A 258 -17.58 -15.01 17.21
C GLY A 258 -16.99 -16.33 16.76
N ILE A 259 -16.01 -16.86 17.50
CA ILE A 259 -15.19 -17.96 16.98
C ILE A 259 -15.99 -19.23 16.75
N GLY A 260 -17.08 -19.42 17.50
CA GLY A 260 -17.90 -20.62 17.38
C GLY A 260 -18.42 -20.87 15.98
N LYS A 261 -18.45 -19.83 15.14
CA LYS A 261 -18.95 -19.97 13.78
C LYS A 261 -18.11 -20.96 12.97
N PHE A 262 -16.79 -20.98 13.22
CA PHE A 262 -15.87 -21.83 12.47
C PHE A 262 -15.26 -22.93 13.31
N LEU A 263 -14.99 -22.66 14.59
CA LEU A 263 -14.47 -23.64 15.54
C LEU A 263 -15.63 -24.43 16.12
N THR A 264 -16.21 -25.29 15.29
CA THR A 264 -17.51 -25.88 15.62
C THR A 264 -17.40 -27.21 16.33
N ALA A 265 -16.29 -27.93 16.17
CA ALA A 265 -16.16 -29.25 16.77
C ALA A 265 -14.68 -29.63 16.76
N PRO A 266 -14.26 -30.53 17.64
CA PRO A 266 -12.86 -31.01 17.60
C PRO A 266 -12.54 -31.53 16.21
N ASN A 267 -11.35 -31.20 15.71
CA ASN A 267 -10.95 -31.61 14.36
C ASN A 267 -9.50 -32.07 14.35
N PRO A 268 -9.22 -33.24 14.95
CA PRO A 268 -7.84 -33.77 14.96
C PRO A 268 -7.24 -33.91 13.57
N GLU A 269 -8.04 -34.32 12.58
CA GLU A 269 -7.50 -34.59 11.25
C GLU A 269 -7.04 -33.31 10.57
N LEU A 270 -7.85 -32.25 10.67
CA LEU A 270 -7.43 -30.98 10.10
C LEU A 270 -6.19 -30.43 10.82
N ALA A 271 -6.15 -30.58 12.15
CA ALA A 271 -4.98 -30.17 12.91
C ALA A 271 -3.73 -30.88 12.38
N SER A 272 -3.83 -32.19 12.17
CA SER A 272 -2.66 -32.97 11.75
C SER A 272 -2.19 -32.55 10.36
N LEU A 273 -3.13 -32.27 9.46
CA LEU A 273 -2.78 -31.81 8.11
C LEU A 273 -1.97 -30.52 8.17
N ILE A 274 -2.40 -29.58 9.01
CA ILE A 274 -1.72 -28.29 9.11
C ILE A 274 -0.38 -28.47 9.80
N GLU A 275 -0.34 -29.29 10.85
CA GLU A 275 0.92 -29.59 11.52
C GLU A 275 1.92 -30.22 10.54
N GLN A 276 1.45 -31.10 9.65
CA GLN A 276 2.36 -31.71 8.68
C GLN A 276 3.03 -30.66 7.81
N GLU A 277 2.29 -29.62 7.42
CA GLU A 277 2.88 -28.56 6.59
C GLU A 277 3.77 -27.65 7.40
N CYS A 278 3.35 -27.29 8.61
CA CYS A 278 4.12 -26.33 9.38
C CYS A 278 5.39 -26.93 9.98
N SER A 279 5.43 -28.24 10.19
CA SER A 279 6.59 -28.85 10.82
C SER A 279 7.75 -29.09 9.86
N LYS A 280 7.58 -28.84 8.56
CA LYS A 280 8.69 -28.98 7.63
C LYS A 280 9.75 -27.90 7.87
N THR A 281 11.02 -28.26 7.64
CA THR A 281 12.15 -27.37 7.90
C THR A 281 12.07 -26.09 7.07
N SER A 282 11.92 -26.23 5.77
CA SER A 282 11.80 -25.07 4.89
C SER A 282 10.36 -24.61 4.83
N TRP A 283 10.12 -23.32 5.06
CA TRP A 283 8.80 -22.74 4.88
C TRP A 283 8.61 -22.22 3.46
N GLU A 284 9.44 -22.65 2.52
CA GLU A 284 9.19 -22.34 1.11
C GLU A 284 7.80 -22.83 0.74
N ALA A 285 7.06 -21.99 0.02
CA ALA A 285 5.72 -22.30 -0.46
C ALA A 285 4.70 -22.49 0.66
N ILE A 286 5.02 -22.09 1.90
CA ILE A 286 4.09 -22.28 3.02
C ILE A 286 2.70 -21.70 2.73
N LEU A 287 2.63 -20.58 1.99
CA LEU A 287 1.31 -19.97 1.76
C LEU A 287 0.43 -20.87 0.91
N LYS A 288 1.00 -21.44 -0.15
CA LYS A 288 0.23 -22.39 -0.96
C LYS A 288 -0.05 -23.66 -0.18
N ARG A 289 0.92 -24.12 0.62
CA ARG A 289 0.70 -25.37 1.34
C ARG A 289 -0.38 -25.22 2.39
N LEU A 290 -0.46 -24.05 3.03
CA LEU A 290 -1.52 -23.82 4.02
C LEU A 290 -2.87 -23.55 3.36
N TRP A 291 -2.87 -22.86 2.21
CA TRP A 291 -4.10 -22.55 1.49
C TRP A 291 -3.96 -23.10 0.07
N PRO A 292 -4.07 -24.43 -0.09
CA PRO A 292 -3.78 -25.06 -1.38
C PRO A 292 -4.83 -24.81 -2.46
N LYS A 293 -5.99 -24.29 -2.11
CA LYS A 293 -6.96 -23.88 -3.11
C LYS A 293 -6.90 -22.40 -3.44
N ALA A 294 -5.98 -21.64 -2.84
CA ALA A 294 -5.87 -20.23 -3.19
C ALA A 294 -5.37 -20.10 -4.62
N LYS A 295 -5.87 -19.09 -5.32
CA LYS A 295 -5.54 -18.88 -6.73
C LYS A 295 -4.66 -17.66 -6.95
N CYS A 296 -4.52 -16.77 -5.99
CA CYS A 296 -3.63 -15.63 -6.15
C CYS A 296 -3.44 -14.98 -4.79
N ILE A 297 -2.43 -14.13 -4.71
CA ILE A 297 -2.10 -13.37 -3.52
C ILE A 297 -2.15 -11.90 -3.92
N GLU A 298 -3.12 -11.18 -3.36
CA GLU A 298 -3.44 -9.82 -3.78
C GLU A 298 -2.91 -8.84 -2.74
N SER A 299 -2.05 -7.92 -3.18
CA SER A 299 -1.55 -6.85 -2.31
C SER A 299 -0.79 -5.84 -3.17
N ILE A 300 -0.47 -4.70 -2.56
CA ILE A 300 0.38 -3.73 -3.23
C ILE A 300 1.80 -4.28 -3.31
N ILE A 301 2.34 -4.37 -4.54
CA ILE A 301 3.67 -4.87 -4.79
C ILE A 301 4.50 -3.88 -5.60
N THR A 302 4.05 -2.64 -5.73
CA THR A 302 4.75 -1.62 -6.48
C THR A 302 5.45 -0.64 -5.54
N GLY A 303 6.36 0.16 -6.10
CA GLY A 303 7.03 1.17 -5.31
C GLY A 303 7.91 0.54 -4.26
N THR A 304 7.83 1.05 -3.03
CA THR A 304 8.62 0.50 -1.93
C THR A 304 8.32 -0.98 -1.72
N MET A 305 7.10 -1.42 -2.03
CA MET A 305 6.73 -2.81 -1.77
C MET A 305 7.37 -3.77 -2.76
N ALA A 306 7.86 -3.26 -3.90
CA ALA A 306 8.53 -4.15 -4.86
C ALA A 306 9.71 -4.86 -4.25
N GLN A 307 10.28 -4.31 -3.16
CA GLN A 307 11.45 -4.91 -2.53
C GLN A 307 11.15 -6.30 -1.96
N TYR A 308 9.90 -6.55 -1.55
CA TYR A 308 9.53 -7.79 -0.89
C TYR A 308 9.10 -8.88 -1.86
N ILE A 309 9.09 -8.59 -3.15
CA ILE A 309 8.60 -9.57 -4.11
C ILE A 309 9.41 -10.87 -4.06
N PRO A 310 10.74 -10.86 -4.10
CA PRO A 310 11.46 -12.15 -4.06
C PRO A 310 11.14 -12.98 -2.83
N LEU A 311 11.03 -12.35 -1.66
CA LEU A 311 10.74 -13.12 -0.46
C LEU A 311 9.29 -13.62 -0.46
N LEU A 312 8.35 -12.78 -0.89
CA LEU A 312 6.96 -13.23 -0.93
C LEU A 312 6.78 -14.35 -1.94
N GLU A 313 7.51 -14.30 -3.06
CA GLU A 313 7.43 -15.40 -4.02
C GLU A 313 7.98 -16.68 -3.42
N PHE A 314 9.04 -16.57 -2.61
CA PHE A 314 9.56 -17.74 -1.91
C PHE A 314 8.48 -18.42 -1.06
N TYR A 315 7.72 -17.61 -0.32
CA TYR A 315 6.63 -18.17 0.49
C TYR A 315 5.40 -18.56 -0.33
N SER A 316 5.32 -18.15 -1.60
CA SER A 316 4.08 -18.25 -2.36
C SER A 316 3.88 -19.61 -3.02
N GLY A 317 4.96 -20.34 -3.27
CA GLY A 317 4.82 -21.60 -3.97
C GLY A 317 4.20 -21.48 -5.34
N GLY A 318 4.46 -20.37 -6.03
CA GLY A 318 3.95 -20.21 -7.38
C GLY A 318 2.58 -19.56 -7.48
N LEU A 319 1.88 -19.33 -6.37
CA LEU A 319 0.67 -18.52 -6.48
C LEU A 319 1.04 -17.16 -7.07
N PRO A 320 0.34 -16.70 -8.10
CA PRO A 320 0.71 -15.42 -8.70
C PRO A 320 0.44 -14.27 -7.73
N LEU A 321 1.40 -13.36 -7.63
CA LEU A 321 1.19 -12.14 -6.86
C LEU A 321 0.47 -11.14 -7.75
N THR A 322 -0.72 -10.72 -7.34
CA THR A 322 -1.48 -9.78 -8.14
C THR A 322 -1.61 -8.44 -7.42
N SER A 323 -1.67 -7.37 -8.20
CA SER A 323 -1.94 -6.03 -7.70
C SER A 323 -2.97 -5.44 -8.65
N SER A 324 -4.23 -5.43 -8.21
CA SER A 324 -5.34 -5.13 -9.09
C SER A 324 -5.77 -3.68 -9.08
N PHE A 325 -5.43 -2.92 -8.04
CA PHE A 325 -6.08 -1.64 -7.77
C PHE A 325 -5.07 -0.55 -7.53
N TYR A 326 -5.33 0.63 -8.11
CA TYR A 326 -4.56 1.83 -7.82
C TYR A 326 -5.53 2.87 -7.29
N GLY A 327 -5.37 3.24 -6.02
CA GLY A 327 -6.30 4.16 -5.38
C GLY A 327 -5.70 4.77 -4.13
N SER A 328 -6.47 5.66 -3.52
CA SER A 328 -6.05 6.36 -2.32
C SER A 328 -7.31 6.75 -1.58
N SER A 329 -7.14 7.21 -0.33
CA SER A 329 -8.30 7.72 0.41
C SER A 329 -9.03 8.76 -0.42
N GLU A 330 -8.28 9.60 -1.13
CA GLU A 330 -8.85 10.73 -1.87
C GLU A 330 -9.63 10.29 -3.10
N CYS A 331 -9.20 9.20 -3.75
CA CYS A 331 -9.81 8.83 -5.02
C CYS A 331 -9.44 7.40 -5.39
N PHE A 332 -10.42 6.59 -5.77
CA PHE A 332 -10.11 5.34 -6.45
C PHE A 332 -9.81 5.65 -7.91
N MET A 333 -8.67 5.20 -8.42
CA MET A 333 -8.19 5.79 -9.66
C MET A 333 -8.02 4.81 -10.81
N GLY A 334 -7.47 3.63 -10.60
CA GLY A 334 -7.17 2.76 -11.72
C GLY A 334 -7.26 1.30 -11.35
N VAL A 335 -7.35 0.46 -12.38
CA VAL A 335 -7.30 -0.99 -12.19
C VAL A 335 -6.33 -1.61 -13.18
N ASN A 336 -5.90 -2.82 -12.86
CA ASN A 336 -4.96 -3.56 -13.70
C ASN A 336 -5.77 -4.44 -14.63
N PHE A 337 -5.74 -4.11 -15.92
CA PHE A 337 -6.46 -4.97 -16.85
C PHE A 337 -5.71 -6.24 -17.21
N ASN A 338 -4.51 -6.47 -16.67
CA ASN A 338 -3.76 -7.70 -16.89
C ASN A 338 -3.25 -8.22 -15.56
N PRO A 339 -4.16 -8.73 -14.72
CA PRO A 339 -3.79 -8.99 -13.31
C PRO A 339 -2.73 -10.07 -13.13
N LEU A 340 -2.59 -11.01 -14.06
CA LEU A 340 -1.58 -12.07 -13.97
C LEU A 340 -0.25 -11.70 -14.62
N CYS A 341 -0.05 -10.44 -14.99
CA CYS A 341 1.24 -9.97 -15.47
C CYS A 341 2.34 -10.23 -14.44
N LYS A 342 3.59 -10.14 -14.90
CA LYS A 342 4.74 -10.13 -14.01
C LYS A 342 4.60 -8.97 -13.02
N PRO A 343 4.92 -9.18 -11.74
CA PRO A 343 4.81 -8.08 -10.77
C PRO A 343 5.57 -6.85 -11.16
N SER A 344 6.69 -7.02 -11.88
CA SER A 344 7.45 -5.87 -12.34
C SER A 344 6.78 -5.15 -13.51
N ASP A 345 5.74 -5.73 -14.12
CA ASP A 345 5.09 -5.12 -15.29
C ASP A 345 3.70 -4.58 -14.98
N VAL A 346 3.39 -4.36 -13.70
CA VAL A 346 2.06 -3.88 -13.33
C VAL A 346 1.83 -2.48 -13.89
N SER A 347 0.72 -2.30 -14.62
CA SER A 347 0.28 -0.99 -15.06
C SER A 347 -1.21 -0.82 -14.76
N TYR A 348 -1.61 0.39 -14.36
CA TYR A 348 -2.99 0.67 -13.96
C TYR A 348 -3.67 1.58 -14.96
N THR A 349 -4.81 1.15 -15.46
CA THR A 349 -5.61 1.95 -16.37
C THR A 349 -6.52 2.85 -15.54
N ILE A 350 -6.49 4.16 -15.82
CA ILE A 350 -7.34 5.10 -15.10
C ILE A 350 -8.79 4.91 -15.54
N ILE A 351 -9.70 4.90 -14.57
CA ILE A 351 -11.11 4.63 -14.84
C ILE A 351 -11.85 5.98 -14.87
N PRO A 352 -12.35 6.41 -16.04
CA PRO A 352 -12.79 7.81 -16.20
C PRO A 352 -13.99 8.23 -15.39
N CYS A 353 -14.78 7.31 -14.86
CA CYS A 353 -15.98 7.74 -14.16
C CYS A 353 -15.73 7.99 -12.68
N MET A 354 -14.53 7.69 -12.17
CA MET A 354 -14.27 7.76 -10.73
C MET A 354 -13.88 9.17 -10.27
N GLY A 355 -13.71 10.09 -11.19
CA GLY A 355 -13.27 11.43 -10.86
C GLY A 355 -12.76 12.10 -12.11
N TYR A 356 -12.48 13.39 -11.99
CA TYR A 356 -11.85 14.15 -13.08
C TYR A 356 -10.36 14.22 -12.80
N PHE A 357 -9.56 13.73 -13.75
CA PHE A 357 -8.15 13.44 -13.53
C PHE A 357 -7.29 14.32 -14.43
N GLU A 358 -6.46 15.15 -13.82
CA GLU A 358 -5.42 15.87 -14.53
C GLU A 358 -4.05 15.36 -14.11
N PHE A 359 -3.03 15.79 -14.83
CA PHE A 359 -1.70 15.25 -14.60
C PHE A 359 -0.67 16.36 -14.71
N LEU A 360 0.09 16.51 -13.64
CA LEU A 360 1.15 17.49 -13.56
C LEU A 360 2.45 16.84 -14.01
N GLU A 361 3.06 17.38 -15.07
CA GLU A 361 4.36 16.89 -15.51
C GLU A 361 5.38 17.03 -14.39
N VAL A 362 6.20 16.00 -14.21
CA VAL A 362 7.09 15.91 -13.06
C VAL A 362 8.51 16.38 -13.38
N GLU A 363 9.08 15.91 -14.48
CA GLU A 363 10.49 16.18 -14.85
C GLU A 363 11.45 15.37 -13.97
N PRO A 377 4.33 23.28 -13.36
CA PRO A 377 3.21 24.20 -13.60
C PRO A 377 2.30 23.73 -14.75
N VAL A 378 2.79 22.80 -15.56
CA VAL A 378 2.10 22.34 -16.76
C VAL A 378 1.28 21.10 -16.42
N VAL A 379 -0.05 21.21 -16.52
CA VAL A 379 -0.94 20.10 -16.26
C VAL A 379 -1.74 19.80 -17.51
N VAL A 380 -1.94 18.51 -17.79
CA VAL A 380 -2.65 18.07 -18.98
C VAL A 380 -3.85 17.21 -18.56
N ASP A 381 -4.82 17.12 -19.46
CA ASP A 381 -5.95 16.22 -19.29
C ASP A 381 -5.51 14.76 -19.41
N LEU A 382 -6.33 13.86 -18.87
CA LEU A 382 -6.05 12.43 -18.91
C LEU A 382 -5.72 11.95 -20.33
N VAL A 383 -6.51 12.38 -21.33
CA VAL A 383 -6.30 11.88 -22.69
C VAL A 383 -5.11 12.51 -23.39
N ASP A 384 -4.52 13.57 -22.84
CA ASP A 384 -3.42 14.30 -23.44
C ASP A 384 -2.06 13.91 -22.87
N VAL A 385 -2.03 12.91 -21.99
CA VAL A 385 -0.78 12.45 -21.42
C VAL A 385 0.15 11.87 -22.51
N LYS A 386 1.46 11.93 -22.27
CA LYS A 386 2.48 11.54 -23.25
C LYS A 386 3.16 10.26 -22.81
N ILE A 387 3.21 9.26 -23.71
CA ILE A 387 3.79 7.98 -23.31
C ILE A 387 5.26 8.14 -22.98
N GLY A 388 5.69 7.54 -21.86
CA GLY A 388 7.07 7.61 -21.41
C GLY A 388 7.38 8.75 -20.46
N HIS A 389 6.47 9.72 -20.30
CA HIS A 389 6.66 10.87 -19.42
C HIS A 389 6.06 10.61 -18.03
N ASP A 390 6.61 11.28 -17.02
CA ASP A 390 6.25 11.10 -15.62
C ASP A 390 5.24 12.15 -15.22
N TYR A 391 4.28 11.78 -14.39
CA TYR A 391 3.22 12.69 -14.01
C TYR A 391 2.79 12.47 -12.56
N GLU A 392 2.32 13.54 -11.94
CA GLU A 392 1.64 13.44 -10.66
C GLU A 392 0.15 13.65 -10.86
N PRO A 393 -0.72 12.72 -10.44
CA PRO A 393 -2.16 12.94 -10.66
C PRO A 393 -2.69 14.11 -9.85
N VAL A 394 -3.64 14.81 -10.46
CA VAL A 394 -4.31 15.97 -9.89
C VAL A 394 -5.79 15.69 -10.02
N VAL A 395 -6.45 15.39 -8.90
CA VAL A 395 -7.78 14.79 -8.93
C VAL A 395 -8.82 15.78 -8.45
N THR A 396 -9.99 15.73 -9.04
CA THR A 396 -11.12 16.51 -8.67
C THR A 396 -12.18 15.47 -8.46
N THR A 397 -12.75 15.48 -7.28
CA THR A 397 -13.66 14.45 -6.82
C THR A 397 -15.04 14.82 -6.40
N PHE A 398 -15.78 13.80 -6.05
CA PHE A 398 -17.12 13.90 -5.56
C PHE A 398 -17.23 14.02 -4.05
N SER A 399 -16.12 14.05 -3.33
CA SER A 399 -16.09 14.25 -1.89
C SER A 399 -15.32 15.52 -1.51
N GLY A 400 -15.41 16.57 -2.32
CA GLY A 400 -14.93 17.88 -1.91
C GLY A 400 -13.47 18.19 -2.16
N LEU A 401 -12.79 17.47 -3.03
CA LEU A 401 -11.44 17.84 -3.47
C LEU A 401 -11.47 18.32 -4.92
N TYR A 402 -10.72 19.39 -5.20
CA TYR A 402 -10.73 20.03 -6.50
C TYR A 402 -9.28 20.28 -6.91
N ARG A 403 -8.86 19.64 -8.01
CA ARG A 403 -7.50 19.78 -8.55
C ARG A 403 -6.45 19.57 -7.46
N TYR A 404 -6.53 18.40 -6.85
CA TYR A 404 -5.81 18.10 -5.64
C TYR A 404 -4.65 17.18 -5.97
N ARG A 405 -3.47 17.52 -5.49
CA ARG A 405 -2.27 16.78 -5.82
C ARG A 405 -2.16 15.56 -4.92
N VAL A 406 -2.05 14.40 -5.55
CA VAL A 406 -2.13 13.12 -4.85
C VAL A 406 -0.78 12.72 -4.27
N GLY A 407 0.32 13.25 -4.81
CA GLY A 407 1.63 12.99 -4.24
C GLY A 407 2.30 11.73 -4.74
N ASP A 408 1.72 11.02 -5.70
CA ASP A 408 2.38 9.94 -6.40
C ASP A 408 2.93 10.45 -7.72
N VAL A 409 3.92 9.73 -8.24
CA VAL A 409 4.46 9.93 -9.58
C VAL A 409 4.20 8.66 -10.38
N LEU A 410 3.52 8.81 -11.50
CA LEU A 410 3.20 7.72 -12.41
C LEU A 410 3.89 7.96 -13.75
N ARG A 411 4.29 6.87 -14.41
CA ARG A 411 4.77 6.96 -15.79
C ARG A 411 3.70 6.39 -16.72
N ALA A 412 3.30 7.20 -17.71
CA ALA A 412 2.36 6.75 -18.72
C ALA A 412 3.03 5.71 -19.62
N THR A 413 2.42 4.51 -19.73
CA THR A 413 3.06 3.44 -20.48
C THR A 413 2.29 3.00 -21.72
N GLY A 414 1.06 3.46 -21.92
CA GLY A 414 0.28 3.02 -23.06
C GLY A 414 -1.20 3.33 -22.85
N PHE A 415 -2.02 2.67 -23.68
CA PHE A 415 -3.46 2.90 -23.70
C PHE A 415 -4.19 1.55 -23.70
N TYR A 416 -5.17 1.41 -22.81
CA TYR A 416 -6.15 0.33 -22.86
C TYR A 416 -7.39 0.92 -23.52
N ASN A 417 -7.68 0.48 -24.75
CA ASN A 417 -8.58 1.22 -25.63
C ASN A 417 -8.15 2.69 -25.69
N ASN A 418 -8.98 3.63 -25.23
CA ASN A 418 -8.58 5.04 -25.18
C ASN A 418 -8.17 5.49 -23.78
N ALA A 419 -8.11 4.60 -22.81
CA ALA A 419 -7.77 5.02 -21.46
C ALA A 419 -6.28 4.81 -21.22
N PRO A 420 -5.52 5.86 -20.90
CA PRO A 420 -4.10 5.68 -20.54
C PRO A 420 -3.89 4.77 -19.34
N HIS A 421 -2.83 3.98 -19.41
CA HIS A 421 -2.41 3.20 -18.25
C HIS A 421 -1.01 3.62 -17.85
N PHE A 422 -0.73 3.47 -16.56
CA PHE A 422 0.45 4.05 -15.93
C PHE A 422 1.11 3.02 -15.03
N CYS A 423 2.43 3.08 -14.96
CA CYS A 423 3.19 2.33 -13.99
CA CYS A 423 3.22 2.33 -13.99
CA CYS A 423 3.16 2.33 -13.97
C CYS A 423 3.51 3.25 -12.81
N PHE A 424 3.46 2.70 -11.61
CA PHE A 424 3.76 3.47 -10.42
C PHE A 424 5.27 3.67 -10.30
N VAL A 425 5.72 4.92 -10.27
CA VAL A 425 7.13 5.21 -10.10
C VAL A 425 7.50 5.35 -8.62
N GLY A 426 6.78 6.19 -7.89
CA GLY A 426 7.03 6.35 -6.46
C GLY A 426 6.36 7.59 -5.92
N ARG A 427 6.40 7.70 -4.59
CA ARG A 427 6.11 8.97 -3.94
C ARG A 427 7.18 9.98 -4.34
N GLN A 428 6.88 11.27 -4.22
CA GLN A 428 7.89 12.30 -4.48
C GLN A 428 8.47 12.70 -3.13
N LYS A 429 9.57 12.07 -2.74
CA LYS A 429 9.99 12.19 -1.34
C LYS A 429 11.50 12.11 -1.19
N VAL A 430 12.09 13.17 -0.66
CA VAL A 430 13.49 13.15 -0.28
C VAL A 430 13.62 12.30 0.98
N VAL A 431 14.48 11.28 0.93
CA VAL A 431 14.74 10.45 2.10
C VAL A 431 16.12 10.70 2.70
N LEU A 432 17.09 11.19 1.93
CA LEU A 432 18.43 11.44 2.46
C LEU A 432 18.97 12.74 1.90
N SER A 433 19.65 13.51 2.75
CA SER A 433 20.26 14.78 2.35
C SER A 433 21.34 15.14 3.36
N ILE A 434 22.60 15.12 2.92
CA ILE A 434 23.68 15.65 3.74
C ILE A 434 23.68 17.18 3.68
N ASP A 435 23.69 17.74 2.47
CA ASP A 435 23.49 19.17 2.33
C ASP A 435 22.66 19.46 1.08
N MET A 436 23.32 19.56 -0.08
CA MET A 436 22.61 19.85 -1.32
C MET A 436 22.34 18.60 -2.12
N ASP A 437 22.87 17.46 -1.67
CA ASP A 437 22.38 16.17 -2.14
C ASP A 437 20.95 15.99 -1.63
N LYS A 438 20.04 15.63 -2.53
CA LYS A 438 18.66 15.33 -2.18
C LYS A 438 18.32 13.99 -2.82
N THR A 439 18.47 12.91 -2.04
CA THR A 439 18.25 11.57 -2.58
C THR A 439 16.80 11.17 -2.34
N TYR A 440 16.10 10.85 -3.42
CA TYR A 440 14.70 10.53 -3.38
C TYR A 440 14.51 9.05 -3.09
N GLU A 441 13.32 8.72 -2.59
CA GLU A 441 13.03 7.32 -2.25
C GLU A 441 13.12 6.41 -3.47
N ASP A 442 12.59 6.85 -4.62
CA ASP A 442 12.63 5.96 -5.79
C ASP A 442 14.05 5.67 -6.26
N ASP A 443 14.94 6.66 -6.17
CA ASP A 443 16.34 6.44 -6.54
C ASP A 443 17.05 5.52 -5.56
N LEU A 444 16.84 5.75 -4.26
CA LEU A 444 17.44 4.88 -3.24
C LEU A 444 16.96 3.43 -3.40
N LEU A 445 15.68 3.25 -3.69
CA LEU A 445 15.13 1.91 -3.92
C LEU A 445 15.79 1.23 -5.12
N LYS A 446 15.93 1.97 -6.23
CA LYS A 446 16.57 1.35 -7.39
C LYS A 446 18.04 1.04 -7.11
N ALA A 447 18.72 1.93 -6.38
CA ALA A 447 20.12 1.69 -6.02
C ALA A 447 20.27 0.41 -5.19
N VAL A 448 19.42 0.24 -4.18
CA VAL A 448 19.47 -0.94 -3.31
C VAL A 448 19.09 -2.20 -4.08
N THR A 449 18.10 -2.09 -4.96
CA THR A 449 17.80 -3.17 -5.91
C THR A 449 19.03 -3.59 -6.71
N ASN A 450 19.72 -2.62 -7.32
CA ASN A 450 20.94 -2.95 -8.05
C ASN A 450 21.96 -3.61 -7.14
N ALA A 451 22.15 -3.08 -5.95
CA ALA A 451 23.22 -3.60 -5.09
C ALA A 451 22.86 -4.97 -4.53
N LYS A 452 21.59 -5.19 -4.16
CA LYS A 452 21.28 -6.45 -3.50
C LYS A 452 21.38 -7.64 -4.44
N LEU A 453 21.27 -7.40 -5.75
CA LEU A 453 21.48 -8.44 -6.74
C LEU A 453 22.84 -9.11 -6.60
N LEU A 454 23.86 -8.37 -6.15
CA LEU A 454 25.19 -8.95 -6.01
C LEU A 454 25.22 -10.06 -4.97
N LEU A 455 24.25 -10.12 -4.07
CA LEU A 455 24.22 -11.18 -3.07
C LEU A 455 23.67 -12.50 -3.61
N GLU A 456 22.91 -12.49 -4.71
CA GLU A 456 22.33 -13.72 -5.23
C GLU A 456 23.35 -14.82 -5.46
N PRO A 457 24.53 -14.57 -6.05
CA PRO A 457 25.52 -15.65 -6.17
C PRO A 457 26.02 -16.19 -4.85
N HIS A 458 25.80 -15.50 -3.74
CA HIS A 458 26.28 -15.98 -2.45
C HIS A 458 25.18 -16.58 -1.58
N ASP A 459 23.98 -16.81 -2.15
CA ASP A 459 22.84 -17.41 -1.45
C ASP A 459 22.45 -16.59 -0.24
N LEU A 460 22.47 -15.27 -0.41
CA LEU A 460 22.02 -14.33 0.59
C LEU A 460 20.93 -13.46 -0.03
N MET A 461 20.03 -13.00 0.82
CA MET A 461 18.90 -12.17 0.40
C MET A 461 18.80 -10.96 1.32
N LEU A 462 18.47 -9.80 0.75
CA LEU A 462 18.19 -8.63 1.57
C LEU A 462 16.72 -8.71 2.01
N MET A 463 16.48 -8.76 3.31
CA MET A 463 15.09 -8.88 3.79
C MET A 463 14.41 -7.52 3.93
N ASP A 464 15.13 -6.50 4.40
CA ASP A 464 14.57 -5.16 4.53
C ASP A 464 15.74 -4.21 4.67
N PHE A 465 15.47 -2.91 4.48
CA PHE A 465 16.50 -1.90 4.66
C PHE A 465 15.86 -0.57 5.05
N THR A 466 16.67 0.27 5.69
CA THR A 466 16.39 1.68 5.90
C THR A 466 17.72 2.42 5.86
N SER A 467 17.71 3.70 6.21
CA SER A 467 18.91 4.52 6.03
C SER A 467 18.86 5.76 6.92
N ARG A 468 20.01 6.41 7.04
CA ARG A 468 20.11 7.70 7.72
C ARG A 468 21.34 8.43 7.21
N VAL A 469 21.32 9.76 7.36
CA VAL A 469 22.50 10.58 7.11
C VAL A 469 23.32 10.64 8.39
N ASP A 470 24.61 10.35 8.27
CA ASP A 470 25.55 10.44 9.39
C ASP A 470 26.40 11.69 9.17
N SER A 471 26.05 12.77 9.87
CA SER A 471 26.80 14.01 9.81
C SER A 471 27.67 14.23 11.04
N SER A 472 27.91 13.18 11.77
CA SER A 472 28.67 13.31 12.93
C SER A 472 29.93 13.94 12.47
N SER A 473 30.81 13.11 11.97
CA SER A 473 32.12 13.52 11.52
C SER A 473 32.39 14.45 10.36
N PHE A 474 33.68 14.61 10.17
CA PHE A 474 34.33 15.43 9.17
C PHE A 474 33.47 15.66 7.95
N PRO A 475 33.38 14.56 7.11
CA PRO A 475 32.48 14.73 5.99
C PRO A 475 31.29 13.78 6.24
N GLY A 476 30.09 14.22 5.91
CA GLY A 476 28.89 13.43 6.07
C GLY A 476 28.82 12.31 5.06
N HIS A 477 28.07 11.26 5.42
CA HIS A 477 27.87 10.14 4.49
C HIS A 477 26.58 9.41 4.82
N TYR A 478 26.10 8.65 3.84
CA TYR A 478 24.90 7.84 4.00
C TYR A 478 25.22 6.55 4.74
N VAL A 479 24.30 6.14 5.59
CA VAL A 479 24.30 4.84 6.25
C VAL A 479 23.07 4.07 5.78
N ILE A 480 23.27 2.90 5.18
CA ILE A 480 22.17 2.00 4.82
C ILE A 480 22.21 0.77 5.73
N TYR A 481 21.09 0.50 6.42
CA TYR A 481 20.97 -0.69 7.25
C TYR A 481 20.36 -1.83 6.45
N TRP A 482 21.06 -2.96 6.40
CA TRP A 482 20.65 -4.13 5.63
C TRP A 482 20.40 -5.29 6.58
N GLU A 483 19.19 -5.85 6.55
CA GLU A 483 18.93 -7.10 7.26
C GLU A 483 18.96 -8.24 6.25
N LEU A 484 19.90 -9.16 6.42
CA LEU A 484 20.13 -10.25 5.47
C LEU A 484 19.55 -11.56 6.01
N GLY A 485 19.13 -12.43 5.06
CA GLY A 485 18.74 -13.79 5.39
C GLY A 485 19.18 -14.77 4.32
N SER A 486 18.94 -16.06 4.60
CA SER A 486 19.33 -17.14 3.69
C SER A 486 18.43 -18.34 3.92
N LYS A 487 18.66 -19.41 3.13
CA LYS A 487 17.91 -20.65 3.27
C LYS A 487 18.51 -21.60 4.30
N VAL A 488 19.80 -21.45 4.64
CA VAL A 488 20.44 -22.35 5.58
C VAL A 488 20.01 -21.95 7.01
N LYS A 489 19.27 -22.85 7.66
CA LYS A 489 18.94 -22.73 9.08
C LYS A 489 19.87 -23.57 9.95
N ASP A 490 20.89 -24.17 9.35
CA ASP A 490 21.74 -25.18 9.97
C ASP A 490 22.97 -24.60 10.63
N ALA A 491 23.55 -23.56 10.05
CA ALA A 491 24.79 -22.96 10.54
C ALA A 491 24.79 -21.48 10.16
N LYS A 492 25.83 -20.78 10.58
CA LYS A 492 25.93 -19.34 10.36
C LYS A 492 26.06 -19.03 8.87
N PHE A 493 25.42 -17.93 8.45
CA PHE A 493 25.60 -17.34 7.13
C PHE A 493 26.19 -15.94 7.29
N GLU A 494 27.08 -15.56 6.36
CA GLU A 494 27.73 -14.25 6.49
C GLU A 494 28.34 -13.84 5.16
N PRO A 495 28.18 -12.59 4.72
CA PRO A 495 28.74 -12.17 3.43
C PRO A 495 30.21 -11.80 3.57
N ASN A 496 31.01 -12.16 2.56
CA ASN A 496 32.40 -11.77 2.60
C ASN A 496 32.54 -10.26 2.40
N ARG A 497 33.66 -9.71 2.87
CA ARG A 497 33.79 -8.26 2.90
C ARG A 497 33.91 -7.68 1.50
N ASP A 498 34.55 -8.40 0.57
CA ASP A 498 34.70 -7.90 -0.79
C ASP A 498 33.35 -7.68 -1.46
N VAL A 499 32.45 -8.66 -1.39
CA VAL A 499 31.15 -8.46 -1.99
C VAL A 499 30.38 -7.33 -1.29
N MET A 500 30.44 -7.25 0.05
CA MET A 500 29.76 -6.17 0.76
C MET A 500 30.28 -4.81 0.34
N GLU A 501 31.60 -4.70 0.16
CA GLU A 501 32.18 -3.43 -0.25
C GLU A 501 31.75 -3.07 -1.67
N GLU A 502 31.63 -4.06 -2.55
CA GLU A 502 31.12 -3.78 -3.88
C GLU A 502 29.64 -3.41 -3.84
N CYS A 503 28.88 -3.99 -2.89
CA CYS A 503 27.49 -3.55 -2.70
C CYS A 503 27.43 -2.06 -2.36
N CYS A 504 28.29 -1.62 -1.44
CA CYS A 504 28.33 -0.21 -1.09
C CYS A 504 28.53 0.65 -2.32
N PHE A 505 29.51 0.29 -3.14
CA PHE A 505 29.79 1.05 -4.35
C PHE A 505 28.61 1.03 -5.32
N THR A 506 27.92 -0.11 -5.43
CA THR A 506 26.87 -0.24 -6.43
C THR A 506 25.69 0.66 -6.09
N VAL A 507 25.37 0.79 -4.80
CA VAL A 507 24.40 1.81 -4.39
C VAL A 507 24.86 3.19 -4.84
N GLU A 508 26.12 3.53 -4.52
CA GLU A 508 26.61 4.86 -4.84
C GLU A 508 26.56 5.13 -6.33
N GLU A 509 26.99 4.16 -7.14
CA GLU A 509 27.03 4.35 -8.57
C GLU A 509 25.63 4.53 -9.14
N SER A 510 24.61 4.10 -8.40
CA SER A 510 23.22 4.20 -8.81
C SER A 510 22.54 5.48 -8.35
N LEU A 511 23.17 6.29 -7.49
CA LEU A 511 22.54 7.51 -7.02
C LEU A 511 22.71 8.60 -8.08
N ASP A 512 22.22 9.80 -7.80
CA ASP A 512 22.15 10.80 -8.86
C ASP A 512 23.45 11.60 -8.96
N ALA A 513 23.48 12.50 -9.95
CA ALA A 513 24.70 13.24 -10.26
C ALA A 513 25.11 14.16 -9.13
N VAL A 514 24.14 14.71 -8.37
CA VAL A 514 24.52 15.61 -7.28
C VAL A 514 25.25 14.86 -6.19
N TYR A 515 24.74 13.68 -5.83
CA TYR A 515 25.46 12.80 -4.91
C TYR A 515 26.84 12.46 -5.49
N ARG A 516 26.87 12.03 -6.75
CA ARG A 516 28.11 11.48 -7.28
C ARG A 516 29.14 12.57 -7.50
N LYS A 517 28.72 13.73 -7.98
CA LYS A 517 29.62 14.88 -8.05
C LYS A 517 30.11 15.26 -6.66
N GLY A 518 29.24 15.18 -5.66
CA GLY A 518 29.67 15.39 -4.28
C GLY A 518 30.76 14.43 -3.86
N ARG A 519 30.64 13.16 -4.26
CA ARG A 519 31.64 12.17 -3.87
C ARG A 519 32.94 12.38 -4.64
N LYS A 520 32.85 12.56 -5.95
CA LYS A 520 34.03 12.51 -6.79
C LYS A 520 34.70 13.89 -6.87
N ASN A 521 33.91 14.93 -7.09
CA ASN A 521 34.43 16.27 -7.30
C ASN A 521 34.40 17.12 -6.03
N ASP A 522 33.18 17.49 -5.60
CA ASP A 522 33.01 18.49 -4.56
C ASP A 522 33.77 18.13 -3.28
N LYS A 523 33.83 16.85 -2.95
CA LYS A 523 34.51 16.29 -1.76
C LYS A 523 33.70 16.44 -0.47
N ASN A 524 32.45 16.89 -0.53
CA ASN A 524 31.70 17.07 0.72
C ASN A 524 30.91 15.85 1.15
N ILE A 525 30.88 14.79 0.35
CA ILE A 525 30.17 13.56 0.70
C ILE A 525 31.19 12.44 0.86
N GLY A 526 31.14 11.76 2.01
CA GLY A 526 32.06 10.68 2.27
C GLY A 526 31.56 9.34 1.73
N PRO A 527 32.29 8.28 2.02
CA PRO A 527 31.98 6.98 1.40
C PRO A 527 30.74 6.35 2.01
N LEU A 528 29.84 5.87 1.14
CA LEU A 528 28.62 5.24 1.63
C LEU A 528 28.95 4.02 2.47
N GLU A 529 28.13 3.80 3.48
CA GLU A 529 28.33 2.74 4.46
C GLU A 529 27.10 1.86 4.51
N ILE A 530 27.30 0.55 4.48
CA ILE A 530 26.25 -0.42 4.72
C ILE A 530 26.54 -1.09 6.05
N LYS A 531 25.56 -1.07 6.94
CA LYS A 531 25.64 -1.77 8.22
C LYS A 531 24.66 -2.92 8.18
N VAL A 532 25.17 -4.14 8.40
CA VAL A 532 24.32 -5.32 8.46
C VAL A 532 23.76 -5.45 9.87
N VAL A 533 22.45 -5.56 10.00
CA VAL A 533 21.81 -5.66 11.30
C VAL A 533 21.33 -7.09 11.51
N LYS A 534 21.32 -7.49 12.78
CA LYS A 534 20.86 -8.83 13.15
C LYS A 534 19.43 -9.06 12.69
N PRO A 535 19.07 -10.31 12.37
CA PRO A 535 17.67 -10.63 12.06
C PRO A 535 16.74 -10.19 13.18
N GLY A 536 15.53 -9.75 12.79
CA GLY A 536 14.59 -9.18 13.72
C GLY A 536 14.76 -7.71 13.98
N ALA A 537 15.81 -7.08 13.45
CA ALA A 537 16.02 -5.65 13.64
C ALA A 537 14.81 -4.84 13.15
N PHE A 538 14.24 -5.24 12.02
CA PHE A 538 13.20 -4.41 11.42
C PHE A 538 11.82 -4.68 12.03
N ASP A 539 11.64 -5.83 12.70
CA ASP A 539 10.48 -6.00 13.57
C ASP A 539 10.60 -5.17 14.85
N GLU A 540 11.81 -5.09 15.43
CA GLU A 540 12.00 -4.19 16.57
C GLU A 540 11.72 -2.76 16.16
N LEU A 541 12.21 -2.35 14.99
CA LEU A 541 11.93 -1.00 14.51
C LEU A 541 10.44 -0.79 14.40
N MET A 542 9.75 -1.75 13.79
CA MET A 542 8.31 -1.64 13.60
C MET A 542 7.58 -1.51 14.94
N ASN A 543 7.94 -2.36 15.90
CA ASN A 543 7.24 -2.33 17.19
C ASN A 543 7.49 -1.00 17.92
N PHE A 544 8.64 -0.39 17.66
CA PHE A 544 8.92 0.93 18.20
C PHE A 544 7.89 1.94 17.69
N PHE A 545 7.65 1.97 16.38
CA PHE A 545 6.69 2.92 15.84
C PHE A 545 5.25 2.58 16.26
N LEU A 546 4.92 1.28 16.34
CA LEU A 546 3.57 0.87 16.75
C LEU A 546 3.26 1.34 18.15
N SER A 547 4.21 1.16 19.07
CA SER A 547 4.07 1.64 20.44
C SER A 547 3.88 3.15 20.52
N ARG A 548 4.22 3.88 19.46
CA ARG A 548 4.06 5.33 19.44
C ARG A 548 2.87 5.78 18.61
N GLY A 549 1.97 4.86 18.26
CA GLY A 549 0.71 5.23 17.63
C GLY A 549 0.60 4.92 16.14
N SER A 550 1.66 4.41 15.51
CA SER A 550 1.55 4.03 14.10
C SER A 550 0.47 2.98 13.91
N SER A 551 -0.28 3.11 12.82
CA SER A 551 -1.29 2.13 12.47
C SER A 551 -0.61 0.81 12.08
N VAL A 552 -1.07 -0.30 12.67
CA VAL A 552 -0.47 -1.61 12.37
C VAL A 552 -0.69 -1.97 10.91
N SER A 553 -1.92 -1.83 10.42
CA SER A 553 -2.28 -2.26 9.08
CA SER A 553 -2.19 -2.31 9.08
C SER A 553 -1.74 -1.33 8.01
N GLN A 554 -1.38 -0.11 8.37
CA GLN A 554 -0.81 0.82 7.41
C GLN A 554 0.69 0.92 7.56
N TYR A 555 1.30 0.12 8.44
CA TYR A 555 2.73 0.27 8.67
C TYR A 555 3.53 -0.16 7.45
N LYS A 556 4.50 0.66 7.06
CA LYS A 556 5.52 0.30 6.10
C LYS A 556 6.88 0.64 6.68
N THR A 557 7.87 -0.18 6.38
CA THR A 557 9.22 0.19 6.79
C THR A 557 9.62 1.51 6.16
N PRO A 558 9.86 2.56 6.95
CA PRO A 558 10.33 3.82 6.35
C PRO A 558 11.71 3.61 5.77
N ARG A 559 11.95 4.21 4.61
CA ARG A 559 13.23 3.99 3.94
C ARG A 559 14.35 4.90 4.45
N SER A 560 14.03 5.90 5.26
CA SER A 560 15.06 6.55 6.06
C SER A 560 14.45 6.94 7.40
N VAL A 561 15.31 7.07 8.41
CA VAL A 561 14.90 7.31 9.78
C VAL A 561 15.66 8.53 10.31
N THR A 562 14.93 9.44 10.95
CA THR A 562 15.53 10.56 11.68
C THR A 562 15.26 10.53 13.17
N ASN A 563 14.21 9.87 13.63
CA ASN A 563 13.89 9.84 15.05
C ASN A 563 15.01 9.17 15.84
N GLU A 564 15.46 9.84 16.89
CA GLU A 564 16.66 9.41 17.60
C GLU A 564 16.45 8.08 18.32
N GLU A 565 15.22 7.80 18.80
CA GLU A 565 15.01 6.51 19.45
C GLU A 565 14.97 5.37 18.44
N ALA A 566 14.49 5.62 17.23
CA ALA A 566 14.56 4.57 16.22
C ALA A 566 15.99 4.36 15.74
N LEU A 567 16.75 5.45 15.58
CA LEU A 567 18.15 5.35 15.20
C LEU A 567 18.95 4.56 16.23
N LYS A 568 18.71 4.84 17.51
CA LYS A 568 19.39 4.08 18.55
C LYS A 568 19.00 2.60 18.49
N ILE A 569 17.79 2.31 18.03
CA ILE A 569 17.38 0.93 17.86
C ILE A 569 18.13 0.26 16.70
N LEU A 570 18.23 0.95 15.57
CA LEU A 570 18.99 0.38 14.46
C LEU A 570 20.47 0.25 14.81
N GLU A 571 21.02 1.25 15.52
CA GLU A 571 22.44 1.26 15.77
C GLU A 571 22.87 0.12 16.69
N ALA A 572 22.04 -0.26 17.67
CA ALA A 572 22.54 -1.36 18.49
C ALA A 572 22.16 -2.73 17.94
N ASN A 573 21.49 -2.82 16.79
CA ASN A 573 21.38 -4.10 16.10
C ASN A 573 22.53 -4.33 15.11
N VAL A 574 23.43 -3.37 14.93
CA VAL A 574 24.46 -3.47 13.90
C VAL A 574 25.48 -4.55 14.25
N ILE A 575 25.73 -5.44 13.30
CA ILE A 575 26.79 -6.45 13.40
C ILE A 575 28.07 -5.93 12.76
N SER A 576 28.05 -5.87 11.44
CA SER A 576 29.19 -5.50 10.65
C SER A 576 28.88 -4.21 9.91
N GLU A 577 29.93 -3.47 9.61
CA GLU A 577 29.86 -2.26 8.83
C GLU A 577 30.80 -2.41 7.66
N PHE A 578 30.43 -1.80 6.54
CA PHE A 578 31.23 -1.84 5.32
C PHE A 578 31.16 -0.48 4.67
N LEU A 579 32.26 -0.06 4.06
CA LEU A 579 32.32 1.20 3.34
C LEU A 579 32.63 0.93 1.88
N SER A 580 32.11 1.79 1.02
CA SER A 580 32.52 1.74 -0.38
C SER A 580 34.01 2.02 -0.48
N ARG A 581 34.72 1.24 -1.27
CA ARG A 581 36.14 1.45 -1.47
C ARG A 581 36.44 2.11 -2.81
N LYS A 582 35.44 2.40 -3.61
CA LYS A 582 35.65 3.03 -4.90
C LYS A 582 34.79 4.28 -4.98
N ILE A 583 35.30 5.28 -5.71
CA ILE A 583 34.56 6.52 -5.88
C ILE A 583 33.64 6.37 -7.09
N PRO A 584 32.36 6.76 -6.99
CA PRO A 584 31.46 6.63 -8.14
C PRO A 584 31.82 7.60 -9.25
N SER A 585 31.41 7.26 -10.46
CA SER A 585 31.75 8.07 -11.62
C SER A 585 30.82 9.28 -11.74
N TRP A 586 31.35 10.35 -12.34
CA TRP A 586 30.59 11.56 -12.64
C TRP A 586 31.38 12.43 -13.61
N GLU A 587 30.71 12.97 -14.63
CA GLU A 587 31.32 13.87 -15.61
C GLU A 587 32.14 14.98 -14.96
#